data_6VH3
#
_entry.id   6VH3
#
_cell.length_a   75.629
_cell.length_b   90.960
_cell.length_c   100.030
_cell.angle_alpha   90.000
_cell.angle_beta   90.000
_cell.angle_gamma   90.000
#
_symmetry.space_group_name_H-M   'P 21 21 21'
#
loop_
_entity.id
_entity.type
_entity.pdbx_description
1 polymer 'Orf1a protein'
2 non-polymer '(1S,2S)-2-[(N-{[(4,4-difluorocyclohexyl)methoxy]carbonyl}-L-leucyl)amino]-1-hydroxy-3-[(3S)-2-oxopyrrolidin-3-yl]propane-1-sulfonic acid'
3 water water
#
_entity_poly.entity_id   1
_entity_poly.type   'polypeptide(L)'
_entity_poly.pdbx_seq_one_letter_code
;MHHHHHHSGLVKMSHPSGDVEACMVQVTCGSMTLNGLWLDNTVWCPRHVMCPADQLSDPNYDALLISMTNHSFSVQKHIG
APANLRVVGHAMQGTLLKLTVDVANPSTPAYTFTTVKPGAAFSVLACYNGRPTGTFTVVMRPNYTIKGSFLCGSCGSVGY
TKEGSVINFCYMHQMELANGTHTGSAFDGTMYGAFMDKQVHQVQLTDKYCSVNVVAWLYAAILNGCAWFVKPNRTSVVSF
NEWALANQFTEFVGTQSVDMLAVKTGVAIEQLLYAIQQLYTGFQGKQILGSTMLEDEFTPEDVNMQIMGVVMQ
;
_entity_poly.pdbx_strand_id   A,B
#
# COMPACT_ATOMS: atom_id res chain seq x y z
N HIS A 6 6.32 20.78 5.08
CA HIS A 6 5.03 20.30 4.45
C HIS A 6 5.22 18.90 3.87
N HIS A 7 4.55 17.92 4.48
CA HIS A 7 4.56 16.57 3.94
C HIS A 7 3.68 16.50 2.69
N SER A 8 4.23 15.88 1.64
CA SER A 8 3.69 16.04 0.30
C SER A 8 2.24 15.60 0.21
N GLY A 9 1.94 14.40 0.67
CA GLY A 9 0.68 13.77 0.38
C GLY A 9 0.79 12.73 -0.69
N LEU A 10 2.01 12.50 -1.18
CA LEU A 10 2.29 11.51 -2.20
C LEU A 10 2.67 10.19 -1.54
N VAL A 11 1.82 9.19 -1.61
CA VAL A 11 2.10 7.92 -0.96
C VAL A 11 1.85 6.78 -1.93
N LYS A 12 2.48 5.64 -1.64
CA LYS A 12 2.19 4.43 -2.40
C LYS A 12 0.81 3.95 -1.99
N MET A 13 -0.14 4.05 -2.89
CA MET A 13 -1.54 3.78 -2.62
C MET A 13 -2.03 2.68 -3.57
N SER A 14 -2.76 1.70 -3.04
CA SER A 14 -3.27 0.57 -3.80
C SER A 14 -4.75 0.73 -4.04
N HIS A 15 -5.27 0.05 -5.07
CA HIS A 15 -6.71 -0.03 -5.20
C HIS A 15 -7.29 -0.95 -4.13
N PRO A 16 -8.47 -0.67 -3.59
CA PRO A 16 -9.14 -1.64 -2.71
C PRO A 16 -9.22 -3.00 -3.39
N SER A 17 -8.90 -4.04 -2.64
CA SER A 17 -8.77 -5.39 -3.16
C SER A 17 -10.02 -6.27 -3.02
N GLY A 18 -11.09 -5.81 -2.36
CA GLY A 18 -12.25 -6.67 -2.14
C GLY A 18 -12.73 -7.41 -3.38
N ASP A 19 -12.90 -6.69 -4.49
CA ASP A 19 -13.37 -7.31 -5.73
C ASP A 19 -12.48 -8.47 -6.15
N VAL A 20 -11.17 -8.35 -5.97
CA VAL A 20 -10.27 -9.41 -6.40
C VAL A 20 -10.22 -10.52 -5.36
N GLU A 21 -10.27 -10.16 -4.07
CA GLU A 21 -10.19 -11.17 -3.02
C GLU A 21 -11.24 -12.26 -3.24
N ALA A 22 -12.39 -11.86 -3.72
CA ALA A 22 -13.50 -12.76 -3.93
C ALA A 22 -13.29 -13.66 -5.10
N CYS A 23 -12.21 -13.48 -5.86
CA CYS A 23 -11.95 -14.37 -6.98
C CYS A 23 -10.81 -15.32 -6.71
N MET A 24 -10.17 -15.22 -5.56
CA MET A 24 -8.97 -16.01 -5.34
C MET A 24 -9.35 -17.42 -4.89
N VAL A 25 -8.77 -18.41 -5.55
CA VAL A 25 -8.91 -19.80 -5.15
C VAL A 25 -7.54 -20.45 -5.06
N GLN A 26 -7.56 -21.66 -4.56
CA GLN A 26 -6.40 -22.52 -4.53
C GLN A 26 -6.54 -23.58 -5.63
N VAL A 27 -5.48 -23.77 -6.41
CA VAL A 27 -5.45 -24.78 -7.45
C VAL A 27 -4.42 -25.82 -7.07
N THR A 28 -4.84 -27.09 -7.11
CA THR A 28 -3.94 -28.18 -6.82
C THR A 28 -3.88 -29.16 -7.98
N CYS A 29 -2.65 -29.62 -8.26
CA CYS A 29 -2.40 -30.65 -9.26
C CYS A 29 -1.36 -31.59 -8.67
N GLY A 30 -1.76 -32.82 -8.39
CA GLY A 30 -0.86 -33.78 -7.80
C GLY A 30 -0.29 -33.25 -6.50
N SER A 31 1.00 -32.91 -6.51
CA SER A 31 1.68 -32.47 -5.31
C SER A 31 1.78 -30.95 -5.15
N MET A 32 1.75 -30.19 -6.24
CA MET A 32 1.93 -28.75 -6.14
C MET A 32 0.58 -28.08 -5.98
N THR A 33 0.58 -26.99 -5.22
CA THR A 33 -0.56 -26.11 -5.02
C THR A 33 -0.10 -24.69 -5.21
N LEU A 34 -0.99 -23.86 -5.71
CA LEU A 34 -0.72 -22.43 -5.83
C LEU A 34 -2.07 -21.75 -5.98
N ASN A 35 -2.03 -20.43 -6.16
CA ASN A 35 -3.25 -19.65 -6.22
C ASN A 35 -3.75 -19.57 -7.65
N GLY A 36 -5.07 -19.36 -7.79
CA GLY A 36 -5.64 -19.06 -9.07
C GLY A 36 -6.70 -17.97 -8.96
N LEU A 37 -7.12 -17.53 -10.13
CA LEU A 37 -8.11 -16.47 -10.27
C LEU A 37 -9.35 -17.04 -10.92
N TRP A 38 -10.46 -17.04 -10.19
CA TRP A 38 -11.74 -17.62 -10.58
C TRP A 38 -12.65 -16.51 -11.09
N LEU A 39 -12.89 -16.47 -12.39
CA LEU A 39 -13.75 -15.48 -13.04
C LEU A 39 -14.82 -16.25 -13.80
N ASP A 40 -16.09 -15.97 -13.53
CA ASP A 40 -17.15 -16.76 -14.15
C ASP A 40 -16.88 -18.27 -14.05
N ASN A 41 -16.82 -18.99 -15.18
CA ASN A 41 -16.58 -20.43 -15.16
C ASN A 41 -15.13 -20.80 -15.42
N THR A 42 -14.22 -19.85 -15.36
CA THR A 42 -12.81 -20.06 -15.68
C THR A 42 -11.93 -19.89 -14.46
N VAL A 43 -10.92 -20.75 -14.31
CA VAL A 43 -9.89 -20.52 -13.31
C VAL A 43 -8.57 -20.39 -14.03
N TRP A 44 -7.86 -19.29 -13.74
CA TRP A 44 -6.55 -19.02 -14.29
C TRP A 44 -5.48 -19.37 -13.26
N CYS A 45 -4.39 -19.98 -13.70
CA CYS A 45 -3.28 -20.20 -12.78
C CYS A 45 -2.01 -20.45 -13.58
N PRO A 46 -0.84 -20.37 -12.94
CA PRO A 46 0.42 -20.66 -13.65
C PRO A 46 0.54 -22.13 -14.02
N ARG A 47 1.01 -22.39 -15.24
CA ARG A 47 1.09 -23.79 -15.67
C ARG A 47 2.11 -24.59 -14.87
N HIS A 48 3.05 -23.94 -14.17
CA HIS A 48 3.99 -24.83 -13.46
C HIS A 48 3.38 -25.50 -12.26
N VAL A 49 2.08 -25.36 -12.01
CA VAL A 49 1.42 -26.22 -11.04
C VAL A 49 1.42 -27.68 -11.50
N MET A 50 1.63 -27.92 -12.80
CA MET A 50 1.63 -29.28 -13.33
C MET A 50 2.98 -29.94 -13.12
N CYS A 51 4.01 -29.15 -12.98
CA CYS A 51 5.33 -29.71 -12.86
C CYS A 51 5.51 -30.31 -11.48
N PRO A 52 6.05 -31.52 -11.37
CA PRO A 52 6.49 -32.01 -10.06
C PRO A 52 7.87 -31.47 -9.72
N ALA A 53 8.19 -31.46 -8.43
CA ALA A 53 9.50 -30.94 -8.01
C ALA A 53 10.64 -31.61 -8.78
N ASP A 54 10.47 -32.88 -9.15
CA ASP A 54 11.38 -33.54 -10.06
C ASP A 54 11.88 -32.53 -11.10
N GLN A 55 11.07 -32.30 -12.13
CA GLN A 55 11.51 -31.83 -13.43
C GLN A 55 11.49 -30.30 -13.58
N LEU A 56 11.52 -29.53 -12.47
CA LEU A 56 11.28 -28.09 -12.58
C LEU A 56 12.35 -27.34 -13.37
N SER A 57 13.55 -27.91 -13.49
CA SER A 57 14.62 -27.22 -14.20
C SER A 57 14.45 -27.26 -15.72
N ASP A 58 13.80 -28.28 -16.26
CA ASP A 58 13.36 -28.25 -17.66
C ASP A 58 12.11 -29.11 -17.81
N PRO A 59 10.97 -28.58 -17.39
CA PRO A 59 9.72 -29.30 -17.64
C PRO A 59 9.36 -29.23 -19.11
N ASN A 60 8.72 -30.29 -19.57
CA ASN A 60 8.11 -30.32 -20.89
C ASN A 60 6.64 -30.03 -20.65
N TYR A 61 6.25 -28.77 -20.86
CA TYR A 61 4.89 -28.38 -20.46
C TYR A 61 3.86 -28.95 -21.41
N ASP A 62 4.18 -28.98 -22.71
CA ASP A 62 3.27 -29.62 -23.65
C ASP A 62 3.03 -31.06 -23.24
N ALA A 63 4.08 -31.77 -22.82
CA ALA A 63 3.92 -33.17 -22.44
C ALA A 63 3.09 -33.31 -21.19
N LEU A 64 3.39 -32.51 -20.17
CA LEU A 64 2.62 -32.54 -18.94
C LEU A 64 1.13 -32.33 -19.23
N LEU A 65 0.81 -31.35 -20.05
CA LEU A 65 -0.58 -31.02 -20.30
C LEU A 65 -1.32 -32.22 -20.89
N ILE A 66 -0.75 -32.82 -21.93
CA ILE A 66 -1.37 -33.97 -22.57
C ILE A 66 -1.51 -35.12 -21.58
N SER A 67 -0.67 -35.17 -20.56
CA SER A 67 -0.74 -36.25 -19.57
C SER A 67 -1.85 -36.02 -18.54
N MET A 68 -2.54 -34.89 -18.60
CA MET A 68 -3.48 -34.50 -17.56
C MET A 68 -4.91 -34.84 -17.97
N THR A 69 -5.74 -35.09 -16.97
CA THR A 69 -7.18 -35.09 -17.16
C THR A 69 -7.79 -33.98 -16.34
N ASN A 70 -9.07 -33.72 -16.60
CA ASN A 70 -9.84 -32.83 -15.74
C ASN A 70 -9.74 -33.26 -14.27
N HIS A 71 -9.72 -34.56 -14.01
CA HIS A 71 -9.61 -35.04 -12.64
C HIS A 71 -8.23 -34.80 -12.05
N SER A 72 -7.24 -34.40 -12.86
CA SER A 72 -5.91 -34.10 -12.31
C SER A 72 -5.89 -32.82 -11.48
N PHE A 73 -6.90 -31.98 -11.65
CA PHE A 73 -6.94 -30.66 -11.04
C PHE A 73 -8.09 -30.60 -10.05
N SER A 74 -7.82 -30.02 -8.87
CA SER A 74 -8.90 -29.65 -7.97
C SER A 74 -8.71 -28.19 -7.59
N VAL A 75 -9.81 -27.47 -7.63
CA VAL A 75 -9.87 -26.07 -7.29
C VAL A 75 -10.65 -25.98 -6.00
N GLN A 76 -10.05 -25.37 -4.99
CA GLN A 76 -10.71 -25.17 -3.70
C GLN A 76 -10.90 -23.67 -3.47
N LYS A 77 -12.08 -23.30 -3.03
CA LYS A 77 -12.43 -21.92 -2.74
C LYS A 77 -12.26 -21.66 -1.24
N HIS A 78 -12.01 -20.39 -0.88
CA HIS A 78 -11.72 -20.01 0.52
C HIS A 78 -12.25 -18.63 0.87
N ASN A 84 -17.64 -25.69 -4.19
CA ASN A 84 -17.47 -27.03 -4.76
C ASN A 84 -17.27 -27.09 -6.31
N LEU A 85 -16.02 -27.07 -6.78
CA LEU A 85 -15.71 -26.71 -8.18
C LEU A 85 -15.06 -27.86 -8.96
N ARG A 86 -15.87 -28.69 -9.60
CA ARG A 86 -15.31 -29.72 -10.47
C ARG A 86 -14.73 -29.08 -11.73
N VAL A 87 -13.49 -29.47 -12.04
CA VAL A 87 -12.84 -29.06 -13.28
C VAL A 87 -13.43 -29.87 -14.44
N VAL A 88 -13.94 -29.16 -15.45
CA VAL A 88 -14.54 -29.79 -16.61
C VAL A 88 -13.80 -29.47 -17.89
N GLY A 89 -12.76 -28.64 -17.82
CA GLY A 89 -11.96 -28.32 -18.98
C GLY A 89 -10.59 -27.87 -18.55
N HIS A 90 -9.61 -28.10 -19.42
CA HIS A 90 -8.30 -27.56 -19.20
C HIS A 90 -7.66 -27.23 -20.53
N ALA A 91 -7.06 -26.05 -20.60
CA ALA A 91 -6.29 -25.59 -21.75
C ALA A 91 -5.06 -24.84 -21.25
N MET A 92 -4.06 -24.71 -22.10
CA MET A 92 -2.86 -23.97 -21.80
C MET A 92 -2.80 -22.73 -22.69
N GLN A 93 -2.40 -21.60 -22.11
CA GLN A 93 -2.27 -20.37 -22.86
C GLN A 93 -0.97 -19.72 -22.43
N GLY A 94 0.07 -19.92 -23.23
CA GLY A 94 1.39 -19.41 -22.89
C GLY A 94 1.83 -20.07 -21.61
N THR A 95 2.12 -19.24 -20.61
CA THR A 95 2.60 -19.70 -19.31
C THR A 95 1.48 -19.90 -18.31
N LEU A 96 0.22 -19.88 -18.75
CA LEU A 96 -0.91 -20.00 -17.84
C LEU A 96 -1.75 -21.22 -18.19
N LEU A 97 -2.42 -21.78 -17.18
CA LEU A 97 -3.52 -22.70 -17.43
C LEU A 97 -4.81 -21.92 -17.44
N LYS A 98 -5.73 -22.33 -18.30
CA LYS A 98 -7.07 -21.78 -18.34
C LYS A 98 -7.97 -22.98 -18.09
N LEU A 99 -8.38 -23.15 -16.83
CA LEU A 99 -9.24 -24.25 -16.41
C LEU A 99 -10.69 -23.83 -16.55
N THR A 100 -11.55 -24.80 -16.74
CA THR A 100 -12.98 -24.52 -16.73
C THR A 100 -13.63 -25.32 -15.64
N VAL A 101 -14.48 -24.66 -14.85
CA VAL A 101 -15.15 -25.30 -13.72
C VAL A 101 -16.65 -25.19 -13.93
N ASP A 102 -17.38 -26.00 -13.17
CA ASP A 102 -18.82 -26.12 -13.41
C ASP A 102 -19.66 -25.13 -12.63
N VAL A 103 -19.10 -24.32 -11.75
CA VAL A 103 -19.84 -23.24 -11.13
C VAL A 103 -19.23 -21.92 -11.54
N ALA A 104 -20.07 -20.98 -11.92
CA ALA A 104 -19.63 -19.61 -12.17
C ALA A 104 -19.43 -18.88 -10.84
N ASN A 105 -18.34 -18.11 -10.77
CA ASN A 105 -18.07 -17.35 -9.57
C ASN A 105 -19.21 -16.35 -9.40
N PRO A 106 -19.98 -16.41 -8.30
CA PRO A 106 -21.09 -15.47 -8.16
C PRO A 106 -20.61 -14.06 -7.91
N SER A 107 -19.42 -13.89 -7.37
CA SER A 107 -18.88 -12.55 -7.12
C SER A 107 -17.84 -12.15 -8.16
N THR A 108 -18.04 -12.51 -9.42
CA THR A 108 -17.13 -12.06 -10.45
C THR A 108 -17.34 -10.58 -10.69
N PRO A 109 -16.31 -9.75 -10.58
CA PRO A 109 -16.47 -8.33 -10.96
C PRO A 109 -16.42 -8.12 -12.46
N ALA A 110 -16.86 -6.95 -12.88
CA ALA A 110 -16.63 -6.56 -14.25
C ALA A 110 -15.14 -6.36 -14.47
N TYR A 111 -14.63 -6.83 -15.61
CA TYR A 111 -13.18 -6.85 -15.80
C TYR A 111 -12.81 -6.83 -17.27
N THR A 112 -11.54 -6.47 -17.49
CA THR A 112 -10.85 -6.59 -18.76
C THR A 112 -9.45 -7.09 -18.46
N PHE A 113 -8.71 -7.42 -19.51
CA PHE A 113 -7.32 -7.82 -19.39
C PHE A 113 -6.47 -6.78 -20.08
N THR A 114 -5.34 -6.42 -19.50
CA THR A 114 -4.42 -5.51 -20.18
C THR A 114 -2.99 -5.95 -19.93
N THR A 115 -2.14 -5.55 -20.84
CA THR A 115 -0.71 -5.71 -20.70
C THR A 115 -0.17 -4.34 -20.31
N VAL A 116 0.37 -4.24 -19.10
CA VAL A 116 0.94 -2.95 -18.69
C VAL A 116 2.29 -2.77 -19.38
N LYS A 117 2.67 -1.51 -19.51
CA LYS A 117 3.93 -1.09 -20.10
C LYS A 117 4.83 -0.51 -19.02
N PRO A 118 6.14 -0.46 -19.24
CA PRO A 118 7.04 0.07 -18.21
C PRO A 118 6.59 1.43 -17.72
N GLY A 119 6.76 1.68 -16.43
CA GLY A 119 6.39 2.94 -15.84
C GLY A 119 4.97 2.99 -15.30
N ALA A 120 4.11 2.07 -15.73
CA ALA A 120 2.76 1.99 -15.20
C ALA A 120 2.74 1.29 -13.85
N ALA A 121 1.82 1.71 -12.99
CA ALA A 121 1.69 1.12 -11.67
C ALA A 121 0.44 0.25 -11.59
N PHE A 122 0.51 -0.78 -10.77
CA PHE A 122 -0.68 -1.56 -10.51
C PHE A 122 -0.59 -2.14 -9.09
N SER A 123 -1.75 -2.57 -8.60
CA SER A 123 -1.88 -3.18 -7.31
C SER A 123 -1.74 -4.68 -7.42
N VAL A 124 -1.13 -5.27 -6.42
CA VAL A 124 -0.93 -6.70 -6.33
C VAL A 124 -1.61 -7.16 -5.06
N LEU A 125 -2.38 -8.23 -5.15
CA LEU A 125 -2.96 -8.89 -3.97
C LEU A 125 -2.16 -10.19 -3.77
N ALA A 126 -1.25 -10.19 -2.81
CA ALA A 126 -0.44 -11.39 -2.52
C ALA A 126 -1.26 -12.42 -1.77
N CYS A 127 -1.21 -13.67 -2.22
CA CYS A 127 -1.99 -14.75 -1.65
C CYS A 127 -1.11 -15.96 -1.40
N TYR A 128 -1.53 -16.75 -0.44
CA TYR A 128 -0.87 -18.01 -0.14
C TYR A 128 -1.96 -19.02 0.15
N ASN A 129 -1.96 -20.10 -0.62
CA ASN A 129 -2.95 -21.16 -0.50
C ASN A 129 -4.38 -20.62 -0.64
N GLY A 130 -4.56 -19.75 -1.63
CA GLY A 130 -5.86 -19.19 -1.88
C GLY A 130 -6.31 -18.10 -0.94
N ARG A 131 -5.53 -17.80 0.12
CA ARG A 131 -5.91 -16.81 1.12
C ARG A 131 -5.19 -15.50 0.86
N PRO A 132 -5.91 -14.40 0.59
CA PRO A 132 -5.27 -13.09 0.48
C PRO A 132 -4.61 -12.70 1.78
N THR A 133 -3.38 -12.24 1.69
CA THR A 133 -2.66 -11.87 2.90
C THR A 133 -2.14 -10.46 2.88
N GLY A 134 -1.95 -9.85 1.71
CA GLY A 134 -1.38 -8.53 1.67
C GLY A 134 -1.65 -7.88 0.33
N THR A 135 -1.60 -6.56 0.34
CA THR A 135 -1.71 -5.82 -0.90
C THR A 135 -0.70 -4.67 -0.88
N PHE A 136 -0.22 -4.30 -2.06
CA PHE A 136 0.80 -3.28 -2.26
C PHE A 136 0.82 -2.90 -3.74
N THR A 137 1.49 -1.80 -4.02
CA THR A 137 1.54 -1.25 -5.37
C THR A 137 2.95 -1.35 -5.91
N VAL A 138 3.05 -1.65 -7.19
CA VAL A 138 4.35 -1.81 -7.86
C VAL A 138 4.30 -1.00 -9.14
N VAL A 139 5.49 -0.70 -9.65
CA VAL A 139 5.68 -0.07 -10.95
C VAL A 139 6.37 -1.09 -11.84
N MET A 140 5.81 -1.33 -13.03
CA MET A 140 6.49 -2.19 -13.98
C MET A 140 7.78 -1.51 -14.44
N ARG A 141 8.93 -2.10 -14.13
CA ARG A 141 10.17 -1.41 -14.44
C ARG A 141 10.49 -1.54 -15.93
N PRO A 142 11.33 -0.62 -16.46
CA PRO A 142 11.77 -0.72 -17.85
C PRO A 142 12.49 -2.02 -18.23
N ASN A 143 12.97 -2.81 -17.28
CA ASN A 143 13.44 -4.15 -17.62
C ASN A 143 12.39 -5.22 -17.36
N TYR A 144 11.12 -4.83 -17.16
CA TYR A 144 9.97 -5.73 -17.04
C TYR A 144 10.02 -6.64 -15.83
N THR A 145 10.58 -6.15 -14.73
CA THR A 145 10.47 -6.80 -13.44
C THR A 145 9.68 -5.89 -12.52
N ILE A 146 9.25 -6.45 -11.39
CA ILE A 146 8.64 -5.64 -10.36
C ILE A 146 9.30 -5.93 -9.02
N LYS A 147 9.15 -4.99 -8.13
CA LYS A 147 9.67 -5.20 -6.78
C LYS A 147 8.64 -6.00 -5.98
N GLY A 148 7.93 -5.40 -5.04
CA GLY A 148 6.94 -6.14 -4.30
C GLY A 148 7.55 -7.07 -3.26
N SER A 149 6.67 -7.88 -2.65
CA SER A 149 7.03 -8.86 -1.62
C SER A 149 6.28 -10.14 -1.92
N PHE A 150 7.02 -11.19 -2.29
CA PHE A 150 6.45 -12.46 -2.70
C PHE A 150 7.29 -13.58 -2.08
N LEU A 151 6.66 -14.46 -1.33
CA LEU A 151 7.35 -15.60 -0.73
C LEU A 151 6.94 -16.88 -1.48
N CYS A 152 7.51 -18.00 -1.04
CA CYS A 152 7.08 -19.30 -1.53
C CYS A 152 5.60 -19.46 -1.32
N GLY A 153 4.91 -20.04 -2.32
CA GLY A 153 3.46 -20.13 -2.29
C GLY A 153 2.71 -18.96 -2.90
N SER A 154 3.42 -17.90 -3.31
CA SER A 154 2.73 -16.72 -3.82
C SER A 154 2.36 -16.79 -5.30
N CYS A 155 2.87 -17.78 -6.04
CA CYS A 155 2.56 -17.83 -7.47
C CYS A 155 1.06 -17.89 -7.70
N GLY A 156 0.61 -17.22 -8.75
CA GLY A 156 -0.81 -17.08 -9.00
C GLY A 156 -1.46 -15.86 -8.36
N SER A 157 -0.77 -15.18 -7.44
CA SER A 157 -1.20 -13.87 -6.99
C SER A 157 -1.35 -12.96 -8.20
N VAL A 158 -2.28 -12.02 -8.13
CA VAL A 158 -2.63 -11.26 -9.33
C VAL A 158 -2.38 -9.78 -9.09
N GLY A 159 -2.05 -9.10 -10.18
CA GLY A 159 -2.01 -7.65 -10.20
C GLY A 159 -3.03 -7.08 -11.17
N TYR A 160 -3.47 -5.84 -10.88
CA TYR A 160 -4.68 -5.26 -11.47
C TYR A 160 -4.64 -3.74 -11.27
N THR A 161 -5.35 -3.05 -12.15
CA THR A 161 -5.82 -1.70 -11.87
C THR A 161 -7.34 -1.65 -11.91
N LYS A 162 -7.87 -0.48 -11.56
CA LYS A 162 -9.32 -0.23 -11.53
C LYS A 162 -9.62 1.00 -12.36
N GLU A 163 -10.74 0.96 -13.10
CA GLU A 163 -11.24 2.11 -13.87
C GLU A 163 -12.76 2.05 -13.76
N GLY A 164 -13.35 3.02 -13.07
CA GLY A 164 -14.70 2.76 -12.62
C GLY A 164 -14.60 1.67 -11.56
N SER A 165 -15.68 0.90 -11.41
CA SER A 165 -15.62 -0.36 -10.66
C SER A 165 -15.23 -1.54 -11.58
N VAL A 166 -14.57 -1.24 -12.71
CA VAL A 166 -14.04 -2.24 -13.61
C VAL A 166 -12.59 -2.56 -13.25
N ILE A 167 -12.29 -3.84 -13.12
CA ILE A 167 -10.95 -4.28 -12.79
C ILE A 167 -10.23 -4.67 -14.06
N ASN A 168 -9.05 -4.10 -14.27
CA ASN A 168 -8.19 -4.48 -15.38
C ASN A 168 -7.12 -5.41 -14.83
N PHE A 169 -7.25 -6.68 -15.14
CA PHE A 169 -6.30 -7.66 -14.70
C PHE A 169 -5.08 -7.64 -15.61
N CYS A 170 -3.90 -7.57 -15.00
CA CYS A 170 -2.73 -7.37 -15.82
C CYS A 170 -1.53 -8.24 -15.44
N TYR A 171 -1.55 -8.94 -14.32
CA TYR A 171 -0.36 -9.63 -13.85
C TYR A 171 -0.79 -10.87 -13.10
N MET A 172 -0.09 -11.98 -13.35
CA MET A 172 -0.21 -13.17 -12.52
C MET A 172 1.18 -13.66 -12.20
N HIS A 173 1.48 -13.75 -10.90
CA HIS A 173 2.83 -13.93 -10.42
C HIS A 173 3.40 -15.31 -10.74
N GLN A 174 4.70 -15.35 -11.13
CA GLN A 174 5.38 -16.55 -11.55
C GLN A 174 6.72 -16.81 -10.85
N MET A 175 7.53 -15.78 -10.60
CA MET A 175 8.97 -15.95 -10.45
C MET A 175 9.57 -14.85 -9.62
N GLU A 176 10.67 -15.20 -8.94
CA GLU A 176 11.69 -14.29 -8.45
C GLU A 176 12.90 -14.33 -9.37
N LEU A 177 13.52 -13.19 -9.59
CA LEU A 177 14.71 -13.12 -10.41
C LEU A 177 15.96 -13.10 -9.54
N ALA A 178 17.10 -13.03 -10.21
CA ALA A 178 18.38 -13.23 -9.54
C ALA A 178 18.63 -12.09 -8.55
N ASN A 179 18.27 -10.87 -8.91
CA ASN A 179 18.47 -9.72 -8.02
C ASN A 179 17.35 -9.52 -6.99
N GLY A 180 16.38 -10.42 -6.89
CA GLY A 180 15.35 -10.32 -5.88
C GLY A 180 14.05 -9.65 -6.33
N THR A 181 14.03 -9.04 -7.51
CA THR A 181 12.82 -8.58 -8.18
C THR A 181 12.01 -9.79 -8.70
N HIS A 182 10.89 -9.49 -9.36
CA HIS A 182 9.90 -10.51 -9.65
C HIS A 182 9.33 -10.31 -11.04
N THR A 183 8.75 -11.39 -11.59
CA THR A 183 7.96 -11.23 -12.79
C THR A 183 6.89 -12.30 -12.86
N GLY A 184 6.03 -12.16 -13.84
CA GLY A 184 4.83 -12.96 -13.97
C GLY A 184 4.27 -12.75 -15.37
N SER A 185 3.09 -13.31 -15.61
CA SER A 185 2.47 -13.27 -16.92
C SER A 185 1.39 -12.20 -17.02
N ALA A 186 1.18 -11.72 -18.25
CA ALA A 186 -0.09 -11.10 -18.59
C ALA A 186 -1.06 -12.21 -18.89
N PHE A 187 -2.34 -11.86 -18.91
CA PHE A 187 -3.35 -12.90 -19.02
C PHE A 187 -3.51 -13.42 -20.45
N ASP A 188 -2.78 -12.88 -21.42
CA ASP A 188 -2.65 -13.57 -22.70
C ASP A 188 -1.60 -14.68 -22.66
N GLY A 189 -0.95 -14.92 -21.52
CA GLY A 189 -0.06 -16.04 -21.39
C GLY A 189 1.40 -15.70 -21.50
N THR A 190 1.72 -14.50 -21.94
CA THR A 190 3.10 -14.10 -22.15
C THR A 190 3.73 -13.61 -20.85
N MET A 191 5.00 -13.95 -20.68
CA MET A 191 5.76 -13.53 -19.51
C MET A 191 6.29 -12.13 -19.70
N TYR A 192 6.10 -11.26 -18.72
CA TYR A 192 6.71 -9.96 -18.82
C TYR A 192 8.22 -10.12 -18.92
N GLY A 193 8.81 -9.50 -19.92
CA GLY A 193 10.25 -9.56 -20.03
C GLY A 193 10.77 -10.80 -20.69
N ALA A 194 9.91 -11.61 -21.30
CA ALA A 194 10.31 -12.81 -21.99
C ALA A 194 11.04 -13.83 -21.09
N PHE A 195 10.90 -13.77 -19.76
CA PHE A 195 11.52 -14.82 -18.96
C PHE A 195 10.80 -16.16 -19.12
N MET A 196 11.54 -17.24 -18.92
CA MET A 196 10.98 -18.58 -19.02
C MET A 196 10.48 -19.03 -17.65
N ASP A 197 9.35 -19.71 -17.62
CA ASP A 197 8.84 -20.30 -16.39
C ASP A 197 9.50 -21.66 -16.15
N LYS A 198 10.82 -21.59 -15.99
CA LYS A 198 11.67 -22.74 -15.66
C LYS A 198 12.65 -22.31 -14.56
N GLN A 199 13.01 -23.27 -13.71
CA GLN A 199 13.85 -22.99 -12.57
C GLN A 199 15.31 -23.01 -13.03
N VAL A 200 15.63 -21.98 -13.81
CA VAL A 200 16.92 -21.83 -14.48
C VAL A 200 17.39 -20.42 -14.25
N HIS A 201 18.67 -20.26 -13.90
CA HIS A 201 19.21 -18.92 -13.73
C HIS A 201 19.00 -18.09 -14.98
N GLN A 202 18.41 -16.91 -14.79
CA GLN A 202 18.15 -15.98 -15.87
C GLN A 202 18.52 -14.59 -15.41
N VAL A 203 19.01 -13.79 -16.36
CA VAL A 203 19.61 -12.48 -16.11
C VAL A 203 18.61 -11.42 -16.52
N GLN A 204 18.22 -10.56 -15.59
CA GLN A 204 17.43 -9.41 -16.00
C GLN A 204 18.36 -8.31 -16.53
N LEU A 205 17.81 -7.51 -17.45
CA LEU A 205 18.46 -6.37 -18.06
C LEU A 205 18.57 -5.20 -17.07
N THR A 206 19.39 -4.23 -17.44
CA THR A 206 19.59 -3.10 -16.55
C THR A 206 18.33 -2.26 -16.52
N ASP A 207 18.02 -1.79 -15.33
CA ASP A 207 16.91 -0.91 -15.09
C ASP A 207 17.24 0.51 -15.59
N LYS A 208 16.19 1.31 -15.73
CA LYS A 208 16.33 2.70 -16.11
C LYS A 208 15.37 3.55 -15.29
N TYR A 209 15.62 4.84 -15.31
CA TYR A 209 14.69 5.81 -14.78
C TYR A 209 13.51 5.96 -15.74
N CYS A 210 12.29 5.85 -15.20
CA CYS A 210 11.07 6.14 -15.95
C CYS A 210 10.89 7.64 -16.04
N SER A 211 11.25 8.20 -17.20
CA SER A 211 11.24 9.63 -17.41
C SER A 211 9.90 10.28 -17.06
N VAL A 212 8.79 9.75 -17.59
CA VAL A 212 7.51 10.41 -17.40
C VAL A 212 7.11 10.44 -15.93
N ASN A 213 7.47 9.41 -15.16
CA ASN A 213 7.15 9.42 -13.73
C ASN A 213 8.01 10.44 -12.99
N VAL A 214 9.29 10.55 -13.37
CA VAL A 214 10.17 11.54 -12.76
C VAL A 214 9.59 12.92 -12.97
N VAL A 215 9.06 13.16 -14.17
CA VAL A 215 8.46 14.44 -14.50
C VAL A 215 7.24 14.69 -13.65
N ALA A 216 6.41 13.64 -13.46
CA ALA A 216 5.22 13.82 -12.64
C ALA A 216 5.60 14.18 -11.22
N TRP A 217 6.69 13.59 -10.72
CA TRP A 217 7.14 13.80 -9.36
C TRP A 217 7.65 15.21 -9.16
N LEU A 218 8.37 15.75 -10.14
CA LEU A 218 8.79 17.15 -10.06
C LEU A 218 7.58 18.08 -10.08
N TYR A 219 6.55 17.75 -10.87
CA TYR A 219 5.29 18.52 -10.82
C TYR A 219 4.66 18.43 -9.43
N ALA A 220 4.57 17.24 -8.86
CA ALA A 220 4.21 17.10 -7.46
C ALA A 220 5.03 18.04 -6.59
N ALA A 221 6.35 18.10 -6.82
CA ALA A 221 7.17 19.02 -6.05
C ALA A 221 6.69 20.46 -6.24
N ILE A 222 6.57 20.90 -7.48
CA ILE A 222 6.10 22.26 -7.72
C ILE A 222 4.77 22.50 -7.00
N LEU A 223 3.82 21.58 -7.15
CA LEU A 223 2.51 21.74 -6.53
C LEU A 223 2.65 21.92 -5.02
N ASN A 224 3.67 21.33 -4.42
CA ASN A 224 3.93 21.44 -2.99
C ASN A 224 4.73 22.69 -2.64
N GLY A 225 5.03 23.56 -3.61
CA GLY A 225 5.80 24.75 -3.33
C GLY A 225 7.29 24.54 -3.29
N CYS A 226 7.78 23.52 -3.98
CA CYS A 226 9.21 23.32 -4.17
C CYS A 226 9.49 23.40 -5.66
N ALA A 227 9.86 24.59 -6.17
CA ALA A 227 10.16 24.79 -7.58
C ALA A 227 11.53 25.41 -7.79
N TRP A 228 12.42 25.22 -6.83
CA TRP A 228 13.75 25.82 -6.92
C TRP A 228 14.48 25.37 -8.16
N PHE A 229 14.15 24.19 -8.69
CA PHE A 229 14.85 23.59 -9.82
C PHE A 229 14.29 24.04 -11.15
N VAL A 230 13.26 24.85 -11.15
CA VAL A 230 12.65 25.27 -12.39
C VAL A 230 13.41 26.46 -12.95
N LYS A 231 13.62 26.45 -14.24
CA LYS A 231 14.33 27.53 -14.91
C LYS A 231 13.60 27.73 -16.23
N PRO A 232 13.84 28.84 -16.93
CA PRO A 232 13.16 29.03 -18.23
C PRO A 232 13.69 28.11 -19.30
N ASN A 233 14.92 27.63 -19.13
CA ASN A 233 15.57 26.66 -20.00
C ASN A 233 14.67 25.47 -20.29
N ARG A 234 14.67 25.07 -21.56
CA ARG A 234 13.81 24.04 -22.09
C ARG A 234 14.64 23.08 -22.93
N THR A 235 14.43 21.78 -22.74
CA THR A 235 14.90 20.75 -23.66
C THR A 235 13.70 20.12 -24.35
N SER A 236 13.77 20.01 -25.67
CA SER A 236 12.67 19.39 -26.40
C SER A 236 12.56 17.91 -26.05
N VAL A 237 11.36 17.39 -26.20
CA VAL A 237 11.16 15.96 -26.03
C VAL A 237 12.14 15.16 -26.87
N VAL A 238 12.39 15.59 -28.11
CA VAL A 238 13.26 14.82 -29.00
C VAL A 238 14.70 14.88 -28.52
N SER A 239 15.21 16.07 -28.21
CA SER A 239 16.57 16.18 -27.68
C SER A 239 16.73 15.40 -26.38
N PHE A 240 15.78 15.56 -25.46
CA PHE A 240 15.78 14.73 -24.25
C PHE A 240 15.89 13.25 -24.58
N ASN A 241 15.01 12.75 -25.46
CA ASN A 241 14.97 11.32 -25.71
C ASN A 241 16.28 10.82 -26.28
N GLU A 242 17.03 11.68 -26.99
CA GLU A 242 18.33 11.25 -27.44
C GLU A 242 19.33 11.28 -26.30
N TRP A 243 19.29 12.35 -25.49
CA TRP A 243 20.08 12.38 -24.27
C TRP A 243 19.84 11.13 -23.43
N ALA A 244 18.58 10.68 -23.35
CA ALA A 244 18.20 9.62 -22.42
C ALA A 244 18.85 8.28 -22.77
N LEU A 245 18.98 7.99 -24.06
CA LEU A 245 19.63 6.75 -24.50
C LEU A 245 20.95 6.55 -23.79
N ALA A 246 21.77 7.58 -23.79
CA ALA A 246 23.09 7.47 -23.20
C ALA A 246 23.11 7.59 -21.68
N ASN A 247 21.99 7.93 -21.01
CA ASN A 247 22.07 8.26 -19.58
C ASN A 247 21.05 7.52 -18.73
N GLN A 248 20.63 6.33 -19.15
CA GLN A 248 19.88 5.41 -18.31
C GLN A 248 18.47 5.92 -18.02
N PHE A 249 17.90 6.69 -18.94
CA PHE A 249 16.51 7.12 -18.87
C PHE A 249 15.71 6.50 -20.00
N THR A 250 14.42 6.29 -19.76
CA THR A 250 13.50 5.86 -20.80
C THR A 250 13.14 7.03 -21.69
N GLU A 251 12.67 6.70 -22.89
CA GLU A 251 12.09 7.71 -23.74
C GLU A 251 10.91 8.38 -23.04
N PHE A 252 10.91 9.71 -23.00
CA PHE A 252 9.74 10.42 -22.52
C PHE A 252 8.59 10.35 -23.52
N VAL A 253 7.40 10.07 -23.01
CA VAL A 253 6.18 10.03 -23.81
C VAL A 253 5.11 10.82 -23.07
N GLY A 254 4.63 11.91 -23.69
CA GLY A 254 3.63 12.76 -23.04
C GLY A 254 2.24 12.14 -23.01
N THR A 255 1.45 12.59 -22.04
CA THR A 255 0.08 12.12 -21.89
C THR A 255 -0.81 13.27 -21.47
N GLN A 256 -2.11 13.07 -21.69
CA GLN A 256 -3.10 14.01 -21.18
C GLN A 256 -2.89 14.23 -19.70
N SER A 257 -2.63 13.14 -18.97
CA SER A 257 -2.41 13.24 -17.53
C SER A 257 -1.25 14.20 -17.20
N VAL A 258 -0.13 14.09 -17.93
CA VAL A 258 0.98 15.01 -17.70
C VAL A 258 0.63 16.42 -18.11
N ASP A 259 -0.07 16.59 -19.24
CA ASP A 259 -0.46 17.93 -19.68
C ASP A 259 -1.29 18.64 -18.62
N MET A 260 -2.14 17.90 -17.91
CA MET A 260 -2.96 18.55 -16.91
C MET A 260 -2.12 19.09 -15.77
N LEU A 261 -1.03 18.39 -15.42
CA LEU A 261 -0.13 18.95 -14.42
C LEU A 261 0.60 20.18 -14.94
N ALA A 262 0.85 20.24 -16.25
CA ALA A 262 1.54 21.44 -16.74
C ALA A 262 0.59 22.62 -16.76
N VAL A 263 -0.66 22.42 -17.16
CA VAL A 263 -1.64 23.49 -17.03
C VAL A 263 -1.74 23.95 -15.57
N LYS A 264 -1.96 23.00 -14.65
CA LYS A 264 -2.19 23.36 -13.25
C LYS A 264 -1.06 24.20 -12.66
N THR A 265 0.19 23.88 -13.02
CA THR A 265 1.36 24.57 -12.48
C THR A 265 1.85 25.72 -13.34
N GLY A 266 1.53 25.74 -14.62
CA GLY A 266 2.14 26.71 -15.49
C GLY A 266 3.60 26.45 -15.81
N VAL A 267 4.08 25.23 -15.58
CA VAL A 267 5.44 24.82 -15.92
C VAL A 267 5.35 23.85 -17.08
N ALA A 268 6.18 24.06 -18.11
CA ALA A 268 6.11 23.24 -19.29
C ALA A 268 6.98 22.00 -19.13
N ILE A 269 6.50 20.91 -19.72
CA ILE A 269 7.20 19.64 -19.73
C ILE A 269 8.66 19.81 -20.15
N GLU A 270 8.91 20.70 -21.12
CA GLU A 270 10.26 20.89 -21.61
C GLU A 270 11.19 21.48 -20.54
N GLN A 271 10.67 22.37 -19.72
CA GLN A 271 11.45 22.90 -18.61
C GLN A 271 11.84 21.81 -17.62
N LEU A 272 10.94 20.86 -17.35
CA LEU A 272 11.31 19.78 -16.45
C LEU A 272 12.27 18.79 -17.10
N LEU A 273 12.14 18.58 -18.41
CA LEU A 273 13.12 17.74 -19.08
C LEU A 273 14.53 18.30 -18.92
N TYR A 274 14.66 19.62 -19.06
CA TYR A 274 15.93 20.27 -18.78
C TYR A 274 16.34 20.09 -17.33
N ALA A 275 15.41 20.31 -16.40
CA ALA A 275 15.73 20.11 -14.99
C ALA A 275 16.29 18.71 -14.74
N ILE A 276 15.70 17.71 -15.40
CA ILE A 276 16.16 16.34 -15.17
C ILE A 276 17.61 16.20 -15.63
N GLN A 277 17.97 16.81 -16.76
CA GLN A 277 19.35 16.69 -17.23
C GLN A 277 20.32 17.26 -16.21
N GLN A 278 19.92 18.33 -15.51
CA GLN A 278 20.77 18.92 -14.47
C GLN A 278 20.72 18.12 -13.17
N LEU A 279 19.52 17.75 -12.70
CA LEU A 279 19.42 17.05 -11.43
C LEU A 279 20.02 15.66 -11.49
N TYR A 280 20.13 15.08 -12.68
CA TYR A 280 20.59 13.70 -12.83
C TYR A 280 22.01 13.53 -12.32
N THR A 281 22.81 14.59 -12.37
CA THR A 281 24.15 14.62 -11.78
C THR A 281 24.16 14.92 -10.28
N GLY A 282 23.01 14.99 -9.62
CA GLY A 282 22.93 15.30 -8.20
C GLY A 282 22.22 16.62 -7.96
N PHE A 283 21.59 16.73 -6.79
CA PHE A 283 20.89 17.95 -6.43
C PHE A 283 21.82 19.02 -5.87
N GLN A 284 23.08 18.67 -5.61
CA GLN A 284 24.10 19.62 -5.17
C GLN A 284 23.78 20.23 -3.80
N GLY A 285 23.32 19.41 -2.86
CA GLY A 285 23.00 19.86 -1.53
C GLY A 285 21.54 20.08 -1.28
N LYS A 286 20.74 20.28 -2.32
CA LYS A 286 19.33 20.55 -2.14
C LYS A 286 18.53 19.24 -2.02
N GLN A 287 17.30 19.37 -1.58
CA GLN A 287 16.32 18.31 -1.52
C GLN A 287 15.16 18.62 -2.45
N ILE A 288 14.42 17.56 -2.81
CA ILE A 288 13.10 17.66 -3.42
C ILE A 288 12.23 16.63 -2.72
N LEU A 289 11.11 17.07 -2.14
CA LEU A 289 10.19 16.17 -1.44
C LEU A 289 10.96 15.24 -0.52
N GLY A 290 11.92 15.82 0.20
CA GLY A 290 12.68 15.05 1.17
C GLY A 290 13.63 14.01 0.57
N SER A 291 13.94 14.11 -0.71
CA SER A 291 14.82 13.15 -1.36
C SER A 291 16.03 13.87 -1.97
N THR A 292 17.14 13.15 -2.04
CA THR A 292 18.31 13.65 -2.75
C THR A 292 18.48 12.99 -4.11
N MET A 293 17.61 12.04 -4.47
CA MET A 293 17.62 11.38 -5.77
C MET A 293 16.26 11.60 -6.48
N LEU A 294 16.27 11.52 -7.80
CA LEU A 294 15.04 11.57 -8.58
C LEU A 294 14.20 10.34 -8.25
N GLU A 295 12.89 10.51 -8.15
CA GLU A 295 11.98 9.39 -7.86
C GLU A 295 11.13 9.11 -9.09
N ASP A 296 10.98 7.82 -9.44
CA ASP A 296 10.20 7.45 -10.62
C ASP A 296 9.13 6.39 -10.35
N GLU A 297 8.70 6.21 -9.12
CA GLU A 297 7.62 5.28 -8.85
C GLU A 297 6.28 5.97 -8.62
N PHE A 298 6.16 7.25 -8.94
CA PHE A 298 4.87 7.94 -8.93
C PHE A 298 4.52 8.35 -10.36
N THR A 299 3.36 7.88 -10.83
CA THR A 299 2.87 8.21 -12.15
C THR A 299 2.19 9.58 -12.17
N PRO A 300 1.94 10.11 -13.37
CA PRO A 300 1.15 11.35 -13.45
C PRO A 300 -0.26 11.19 -12.93
N GLU A 301 -0.86 10.02 -13.11
CA GLU A 301 -2.15 9.74 -12.52
C GLU A 301 -2.10 9.80 -11.00
N ASP A 302 -1.12 9.12 -10.37
CA ASP A 302 -0.93 9.25 -8.92
C ASP A 302 -0.92 10.72 -8.48
N VAL A 303 -0.22 11.57 -9.22
CA VAL A 303 -0.04 12.92 -8.74
C VAL A 303 -1.33 13.71 -8.90
N ASN A 304 -1.98 13.57 -10.06
CA ASN A 304 -3.29 14.17 -10.24
C ASN A 304 -4.27 13.68 -9.18
N MET A 305 -4.32 12.37 -8.97
CA MET A 305 -5.32 11.84 -8.06
C MET A 305 -4.98 12.24 -6.62
N GLN A 306 -3.74 12.03 -6.21
CA GLN A 306 -3.40 12.20 -4.79
C GLN A 306 -3.19 13.63 -4.40
N ILE A 307 -2.82 14.51 -5.32
CA ILE A 307 -2.51 15.86 -4.93
C ILE A 307 -3.59 16.85 -5.35
N MET A 308 -4.33 16.59 -6.42
CA MET A 308 -5.38 17.47 -6.88
C MET A 308 -6.76 16.83 -6.87
N GLY A 309 -6.88 15.59 -6.42
CA GLY A 309 -8.17 14.92 -6.42
C GLY A 309 -8.83 14.91 -7.79
N VAL A 310 -8.04 14.73 -8.84
CA VAL A 310 -8.57 14.55 -10.18
C VAL A 310 -8.67 13.07 -10.50
N SER B 8 15.43 -5.85 -1.67
CA SER B 8 15.21 -5.77 -0.18
C SER B 8 14.08 -6.71 0.27
N GLY B 9 13.02 -6.81 -0.54
CA GLY B 9 11.85 -7.61 -0.19
C GLY B 9 10.91 -6.97 0.81
N LEU B 10 11.28 -5.84 1.39
CA LEU B 10 10.49 -5.19 2.44
C LEU B 10 9.78 -3.98 1.84
N VAL B 11 8.45 -4.06 1.75
CA VAL B 11 7.65 -3.03 1.11
C VAL B 11 6.49 -2.62 2.01
N LYS B 12 5.91 -1.46 1.69
CA LYS B 12 4.71 -0.99 2.37
C LYS B 12 3.54 -1.85 1.90
N MET B 13 3.05 -2.66 2.81
CA MET B 13 2.06 -3.68 2.54
C MET B 13 0.87 -3.44 3.44
N SER B 14 -0.31 -3.43 2.86
CA SER B 14 -1.55 -3.22 3.58
C SER B 14 -2.30 -4.53 3.71
N HIS B 15 -3.16 -4.62 4.73
CA HIS B 15 -4.08 -5.76 4.82
C HIS B 15 -5.13 -5.70 3.71
N PRO B 16 -5.53 -6.84 3.16
CA PRO B 16 -6.62 -6.84 2.17
C PRO B 16 -7.84 -6.15 2.74
N SER B 17 -8.45 -5.28 1.94
CA SER B 17 -9.42 -4.35 2.47
C SER B 17 -10.86 -4.78 2.23
N GLY B 18 -11.11 -5.98 1.69
CA GLY B 18 -12.48 -6.36 1.41
C GLY B 18 -13.38 -6.40 2.64
N ASP B 19 -12.87 -6.96 3.75
CA ASP B 19 -13.67 -7.02 4.97
C ASP B 19 -14.14 -5.64 5.40
N VAL B 20 -13.35 -4.61 5.14
CA VAL B 20 -13.69 -3.29 5.60
C VAL B 20 -14.52 -2.52 4.56
N GLU B 21 -14.26 -2.75 3.27
CA GLU B 21 -15.07 -2.13 2.23
C GLU B 21 -16.53 -2.41 2.49
N ALA B 22 -16.85 -3.65 2.86
CA ALA B 22 -18.23 -4.07 3.06
C ALA B 22 -18.90 -3.29 4.18
N CYS B 23 -18.13 -2.59 5.01
CA CYS B 23 -18.71 -1.85 6.12
C CYS B 23 -18.78 -0.35 5.90
N MET B 24 -18.40 0.16 4.74
CA MET B 24 -18.29 1.60 4.56
C MET B 24 -19.62 2.15 4.06
N VAL B 25 -20.05 3.24 4.65
CA VAL B 25 -21.26 3.92 4.20
C VAL B 25 -21.01 5.42 4.17
N GLN B 26 -21.95 6.10 3.55
CA GLN B 26 -21.97 7.55 3.53
C GLN B 26 -22.97 8.07 4.55
N VAL B 27 -22.58 9.08 5.32
CA VAL B 27 -23.43 9.72 6.30
C VAL B 27 -23.58 11.19 5.96
N THR B 28 -24.83 11.65 5.92
CA THR B 28 -25.13 13.03 5.57
C THR B 28 -25.92 13.67 6.71
N CYS B 29 -25.60 14.92 7.01
CA CYS B 29 -26.32 15.69 8.01
C CYS B 29 -26.32 17.14 7.51
N GLY B 30 -27.46 17.58 7.03
CA GLY B 30 -27.55 18.91 6.45
C GLY B 30 -26.63 19.07 5.25
N SER B 31 -25.73 20.04 5.34
CA SER B 31 -24.75 20.25 4.28
C SER B 31 -23.70 19.14 4.29
N MET B 32 -23.12 18.86 5.45
CA MET B 32 -21.96 17.99 5.58
C MET B 32 -22.24 16.56 5.08
N THR B 33 -21.25 15.99 4.43
CA THR B 33 -21.24 14.57 4.08
C THR B 33 -19.84 13.98 4.30
N LEU B 34 -19.78 12.76 4.80
CA LEU B 34 -18.51 12.07 5.00
C LEU B 34 -18.83 10.58 5.09
N ASN B 35 -17.84 9.81 5.52
CA ASN B 35 -17.93 8.35 5.55
C ASN B 35 -18.22 7.86 6.95
N GLY B 36 -18.88 6.71 7.01
CA GLY B 36 -19.19 6.09 8.27
C GLY B 36 -18.81 4.63 8.22
N LEU B 37 -18.77 4.02 9.40
CA LEU B 37 -18.42 2.63 9.51
C LEU B 37 -19.60 1.88 10.07
N TRP B 38 -20.10 0.93 9.30
CA TRP B 38 -21.32 0.20 9.62
C TRP B 38 -20.97 -1.19 10.14
N LEU B 39 -21.14 -1.40 11.45
CA LEU B 39 -20.87 -2.65 12.12
C LEU B 39 -22.14 -3.10 12.84
N ASP B 40 -22.65 -4.28 12.44
CA ASP B 40 -23.91 -4.76 13.00
C ASP B 40 -24.99 -3.68 12.87
N ASN B 41 -25.63 -3.26 13.97
CA ASN B 41 -26.66 -2.22 13.93
C ASN B 41 -26.14 -0.81 14.24
N THR B 42 -24.84 -0.60 14.18
CA THR B 42 -24.25 0.68 14.50
C THR B 42 -23.51 1.26 13.30
N VAL B 43 -23.62 2.58 13.15
CA VAL B 43 -22.84 3.34 12.16
C VAL B 43 -22.04 4.37 12.93
N TRP B 44 -20.71 4.29 12.86
CA TRP B 44 -19.81 5.25 13.49
C TRP B 44 -19.38 6.30 12.49
N CYS B 45 -19.29 7.56 12.93
CA CYS B 45 -18.72 8.58 12.05
C CYS B 45 -18.25 9.75 12.88
N PRO B 46 -17.43 10.64 12.31
CA PRO B 46 -16.99 11.83 13.06
C PRO B 46 -18.16 12.73 13.41
N ARG B 47 -18.16 13.26 14.62
CA ARG B 47 -19.31 14.06 15.04
C ARG B 47 -19.40 15.40 14.31
N HIS B 48 -18.33 15.87 13.68
CA HIS B 48 -18.47 17.16 13.02
C HIS B 48 -19.27 17.10 11.73
N VAL B 49 -19.80 15.93 11.35
CA VAL B 49 -20.84 15.89 10.31
C VAL B 49 -22.03 16.75 10.73
N MET B 50 -22.13 17.04 12.04
CA MET B 50 -23.23 17.84 12.56
C MET B 50 -22.99 19.32 12.42
N CYS B 51 -21.76 19.73 12.15
CA CYS B 51 -21.40 21.15 12.21
CA CYS B 51 -21.35 21.14 12.19
C CYS B 51 -21.64 21.82 10.86
N PRO B 52 -22.35 22.95 10.83
CA PRO B 52 -22.38 23.77 9.62
C PRO B 52 -21.01 24.36 9.34
N ALA B 53 -20.69 24.46 8.05
CA ALA B 53 -19.42 25.06 7.65
C ALA B 53 -19.09 26.30 8.46
N ASP B 54 -20.07 27.19 8.63
CA ASP B 54 -19.88 28.42 9.40
C ASP B 54 -19.32 28.15 10.79
N GLN B 55 -20.01 27.34 11.59
CA GLN B 55 -19.66 27.20 13.01
C GLN B 55 -18.44 26.28 13.26
N LEU B 56 -17.65 25.95 12.24
CA LEU B 56 -16.65 24.88 12.34
C LEU B 56 -15.44 25.20 13.22
N SER B 57 -15.19 26.48 13.52
CA SER B 57 -13.99 26.83 14.28
C SER B 57 -14.16 26.62 15.78
N ASP B 58 -15.36 26.78 16.31
CA ASP B 58 -15.66 26.35 17.68
C ASP B 58 -17.11 25.90 17.71
N PRO B 59 -17.36 24.63 17.43
CA PRO B 59 -18.74 24.12 17.54
C PRO B 59 -19.12 23.78 18.95
N ASN B 60 -20.42 23.83 19.20
CA ASN B 60 -20.98 23.29 20.44
C ASN B 60 -21.60 21.97 20.04
N TYR B 61 -20.77 20.94 20.15
CA TYR B 61 -21.21 19.61 19.79
C TYR B 61 -22.33 19.15 20.71
N ASP B 62 -22.27 19.53 21.97
CA ASP B 62 -23.34 19.15 22.90
C ASP B 62 -24.69 19.73 22.49
N ALA B 63 -24.70 20.95 21.98
CA ALA B 63 -25.96 21.57 21.60
C ALA B 63 -26.45 21.08 20.26
N LEU B 64 -25.51 20.87 19.32
CA LEU B 64 -25.83 20.29 18.03
C LEU B 64 -26.51 18.93 18.19
N LEU B 65 -26.00 18.10 19.10
CA LEU B 65 -26.54 16.75 19.23
C LEU B 65 -27.96 16.76 19.75
N ILE B 66 -28.25 17.65 20.71
CA ILE B 66 -29.61 17.72 21.26
C ILE B 66 -30.61 18.25 20.22
N SER B 67 -30.19 19.17 19.36
CA SER B 67 -31.07 19.62 18.30
C SER B 67 -31.36 18.56 17.25
N MET B 68 -30.62 17.44 17.21
CA MET B 68 -30.80 16.46 16.15
C MET B 68 -31.97 15.52 16.49
N THR B 69 -32.65 15.04 15.46
CA THR B 69 -33.50 13.88 15.59
C THR B 69 -32.90 12.75 14.77
N ASN B 70 -33.56 11.61 14.84
CA ASN B 70 -33.09 10.48 14.08
C ASN B 70 -33.20 10.72 12.59
N HIS B 71 -34.17 11.53 12.15
CA HIS B 71 -34.26 11.85 10.73
C HIS B 71 -33.19 12.82 10.25
N SER B 72 -32.41 13.39 11.17
CA SER B 72 -31.35 14.35 10.81
C SER B 72 -30.16 13.68 10.17
N PHE B 73 -30.03 12.36 10.30
CA PHE B 73 -28.91 11.65 9.71
C PHE B 73 -29.45 10.76 8.62
N SER B 74 -28.84 10.87 7.45
CA SER B 74 -29.13 10.01 6.33
C SER B 74 -27.91 9.11 6.11
N VAL B 75 -28.15 7.83 5.89
CA VAL B 75 -27.08 6.86 5.75
C VAL B 75 -27.30 6.06 4.48
N GLN B 76 -26.29 6.01 3.64
CA GLN B 76 -26.40 5.36 2.35
C GLN B 76 -25.26 4.38 2.13
N LYS B 77 -25.58 3.17 1.68
CA LYS B 77 -24.58 2.19 1.30
C LYS B 77 -24.25 2.27 -0.20
N HIS B 78 -23.00 1.98 -0.54
CA HIS B 78 -22.56 1.87 -1.94
C HIS B 78 -21.63 0.67 -2.16
N ALA B 83 -28.09 0.31 -0.75
CA ALA B 83 -29.34 0.66 -0.08
C ALA B 83 -29.21 1.97 0.70
N ASN B 84 -30.27 2.34 1.40
CA ASN B 84 -30.18 3.36 2.44
C ASN B 84 -30.69 2.74 3.74
N LEU B 85 -30.19 3.26 4.86
CA LEU B 85 -30.42 2.66 6.16
C LEU B 85 -31.11 3.65 7.08
N ARG B 86 -32.21 3.20 7.70
CA ARG B 86 -33.00 4.03 8.60
C ARG B 86 -32.30 4.17 9.95
N VAL B 87 -32.12 5.41 10.39
CA VAL B 87 -31.51 5.74 11.68
C VAL B 87 -32.58 5.74 12.76
N VAL B 88 -32.39 4.91 13.79
CA VAL B 88 -33.36 4.67 14.85
C VAL B 88 -32.80 5.06 16.21
N GLY B 89 -31.60 5.62 16.24
CA GLY B 89 -30.98 6.01 17.48
C GLY B 89 -29.76 6.85 17.15
N HIS B 90 -29.45 7.80 18.01
CA HIS B 90 -28.26 8.60 17.81
C HIS B 90 -27.69 8.95 19.19
N ALA B 91 -26.37 8.87 19.28
CA ALA B 91 -25.63 9.11 20.50
C ALA B 91 -24.25 9.62 20.10
N MET B 92 -23.58 10.25 21.06
CA MET B 92 -22.25 10.83 20.90
C MET B 92 -21.32 10.18 21.90
N GLN B 93 -20.15 9.77 21.42
CA GLN B 93 -19.12 9.13 22.23
C GLN B 93 -17.81 9.87 21.93
N GLY B 94 -17.43 10.82 22.79
CA GLY B 94 -16.24 11.60 22.52
C GLY B 94 -16.38 12.41 21.22
N THR B 95 -15.51 12.13 20.27
CA THR B 95 -15.49 12.81 18.98
C THR B 95 -16.24 12.05 17.91
N LEU B 96 -16.86 10.93 18.27
CA LEU B 96 -17.58 10.13 17.30
C LEU B 96 -19.06 10.16 17.62
N LEU B 97 -19.84 10.01 16.58
CA LEU B 97 -21.25 9.67 16.69
C LEU B 97 -21.41 8.17 16.57
N LYS B 98 -22.36 7.65 17.32
CA LYS B 98 -22.75 6.26 17.32
C LYS B 98 -24.22 6.25 16.90
N LEU B 99 -24.50 6.01 15.63
CA LEU B 99 -25.85 5.93 15.16
C LEU B 99 -26.32 4.50 15.19
N THR B 100 -27.58 4.30 15.51
CA THR B 100 -28.19 2.98 15.45
C THR B 100 -29.11 2.93 14.24
N VAL B 101 -29.00 1.87 13.48
CA VAL B 101 -29.78 1.73 12.27
C VAL B 101 -30.57 0.44 12.41
N ASP B 102 -31.65 0.32 11.61
CA ASP B 102 -32.60 -0.78 11.77
C ASP B 102 -32.21 -2.02 10.96
N VAL B 103 -31.05 -2.01 10.30
CA VAL B 103 -30.55 -3.17 9.58
C VAL B 103 -29.13 -3.49 10.09
N ALA B 104 -28.91 -4.76 10.43
CA ALA B 104 -27.60 -5.21 10.87
C ALA B 104 -26.72 -5.53 9.67
N ASN B 105 -25.53 -4.97 9.62
CA ASN B 105 -24.66 -5.15 8.46
C ASN B 105 -24.40 -6.63 8.24
N PRO B 106 -24.96 -7.24 7.19
CA PRO B 106 -24.81 -8.69 7.02
C PRO B 106 -23.40 -9.14 6.68
N SER B 107 -22.48 -8.21 6.46
CA SER B 107 -21.08 -8.54 6.20
C SER B 107 -20.18 -7.99 7.26
N THR B 108 -20.66 -7.90 8.51
CA THR B 108 -19.84 -7.39 9.59
C THR B 108 -18.77 -8.43 9.89
N PRO B 109 -17.51 -8.04 9.91
CA PRO B 109 -16.43 -8.94 10.34
C PRO B 109 -16.27 -8.98 11.85
N ALA B 110 -15.59 -10.03 12.30
CA ALA B 110 -15.23 -10.09 13.71
C ALA B 110 -14.30 -8.95 14.00
N TYR B 111 -14.54 -8.23 15.08
CA TYR B 111 -13.77 -7.01 15.27
C TYR B 111 -13.60 -6.69 16.74
N THR B 112 -12.58 -5.88 17.01
CA THR B 112 -12.34 -5.21 18.28
C THR B 112 -12.02 -3.76 17.99
N PHE B 113 -12.00 -2.98 19.05
CA PHE B 113 -11.68 -1.56 19.06
C PHE B 113 -10.48 -1.40 20.00
N THR B 114 -9.28 -1.48 19.49
CA THR B 114 -8.10 -1.28 20.34
C THR B 114 -7.35 -0.03 19.87
N THR B 115 -7.03 0.84 20.82
CA THR B 115 -6.25 2.04 20.52
C THR B 115 -4.79 1.65 20.33
N VAL B 116 -4.16 2.13 19.27
CA VAL B 116 -2.76 1.78 19.02
C VAL B 116 -1.85 2.83 19.61
N LYS B 117 -0.58 2.46 19.72
CA LYS B 117 0.46 3.26 20.34
C LYS B 117 1.48 3.65 19.28
N PRO B 118 2.26 4.69 19.53
CA PRO B 118 3.27 5.11 18.54
C PRO B 118 4.17 3.96 18.12
N GLY B 119 4.55 3.98 16.85
CA GLY B 119 5.34 2.93 16.27
C GLY B 119 4.52 1.83 15.64
N ALA B 120 3.25 1.71 16.04
CA ALA B 120 2.38 0.70 15.45
C ALA B 120 1.99 1.14 14.06
N ALA B 121 1.98 0.19 13.15
CA ALA B 121 1.53 0.38 11.79
C ALA B 121 0.10 -0.14 11.64
N PHE B 122 -0.70 0.53 10.82
CA PHE B 122 -2.02 -0.01 10.48
C PHE B 122 -2.36 0.34 9.05
N SER B 123 -3.36 -0.37 8.52
CA SER B 123 -3.88 -0.09 7.21
C SER B 123 -5.01 0.91 7.27
N VAL B 124 -5.06 1.77 6.25
CA VAL B 124 -6.11 2.77 6.09
C VAL B 124 -6.84 2.49 4.78
N LEU B 125 -8.17 2.51 4.83
CA LEU B 125 -9.00 2.49 3.63
C LEU B 125 -9.56 3.89 3.37
N ALA B 126 -8.96 4.61 2.46
CA ALA B 126 -9.40 5.97 2.16
C ALA B 126 -10.69 5.92 1.35
N CYS B 127 -11.74 6.61 1.83
CA CYS B 127 -13.04 6.62 1.16
C CYS B 127 -13.55 8.04 0.94
N TYR B 128 -14.41 8.19 -0.07
CA TYR B 128 -15.05 9.46 -0.39
C TYR B 128 -16.49 9.15 -0.77
N ASN B 129 -17.42 9.86 -0.12
CA ASN B 129 -18.85 9.65 -0.32
C ASN B 129 -19.22 8.19 -0.14
N GLY B 130 -18.68 7.59 0.91
CA GLY B 130 -18.94 6.18 1.11
C GLY B 130 -18.26 5.22 0.16
N ARG B 131 -17.47 5.67 -0.83
CA ARG B 131 -16.87 4.71 -1.78
C ARG B 131 -15.40 4.50 -1.48
N PRO B 132 -14.96 3.30 -1.13
CA PRO B 132 -13.53 3.00 -1.04
C PRO B 132 -12.76 3.36 -2.31
N THR B 133 -11.74 4.19 -2.20
CA THR B 133 -10.99 4.56 -3.39
C THR B 133 -9.51 4.18 -3.33
N GLY B 134 -8.90 4.12 -2.14
CA GLY B 134 -7.54 3.60 -2.05
C GLY B 134 -7.23 3.01 -0.69
N THR B 135 -6.12 2.31 -0.63
CA THR B 135 -5.64 1.78 0.64
C THR B 135 -4.14 1.98 0.74
N PHE B 136 -3.67 2.29 1.95
CA PHE B 136 -2.24 2.43 2.19
C PHE B 136 -2.01 2.15 3.65
N THR B 137 -0.74 2.12 4.02
CA THR B 137 -0.31 1.74 5.37
C THR B 137 0.41 2.92 5.98
N VAL B 138 0.13 3.18 7.26
CA VAL B 138 0.76 4.29 7.96
C VAL B 138 1.35 3.81 9.28
N VAL B 139 2.21 4.65 9.84
CA VAL B 139 2.73 4.47 11.19
C VAL B 139 2.20 5.60 12.03
N MET B 140 1.62 5.26 13.17
CA MET B 140 1.29 6.26 14.19
C MET B 140 2.58 6.79 14.76
N ARG B 141 2.90 8.04 14.49
CA ARG B 141 4.16 8.61 14.89
C ARG B 141 4.15 8.94 16.38
N PRO B 142 5.31 9.15 16.98
CA PRO B 142 5.35 9.51 18.40
C PRO B 142 4.66 10.80 18.72
N ASN B 143 4.46 11.69 17.74
CA ASN B 143 3.65 12.88 17.99
C ASN B 143 2.18 12.66 17.63
N TYR B 144 1.77 11.40 17.50
CA TYR B 144 0.37 11.04 17.30
C TYR B 144 -0.20 11.62 16.02
N THR B 145 0.61 11.74 14.99
CA THR B 145 0.11 12.03 13.65
C THR B 145 0.46 10.89 12.73
N ILE B 146 -0.23 10.85 11.59
CA ILE B 146 0.08 9.92 10.52
C ILE B 146 0.27 10.73 9.27
N LYS B 147 0.83 10.08 8.26
CA LYS B 147 1.00 10.73 6.98
C LYS B 147 -0.15 10.29 6.09
N GLY B 148 0.11 9.42 5.13
CA GLY B 148 -0.93 9.00 4.23
C GLY B 148 -1.42 10.12 3.31
N SER B 149 -2.52 9.83 2.63
CA SER B 149 -3.12 10.72 1.65
C SER B 149 -4.60 10.81 1.95
N PHE B 150 -5.04 12.00 2.33
CA PHE B 150 -6.42 12.27 2.71
C PHE B 150 -6.79 13.62 2.09
N LEU B 151 -7.79 13.64 1.22
CA LEU B 151 -8.27 14.88 0.65
C LEU B 151 -9.56 15.29 1.33
N CYS B 152 -10.10 16.45 0.93
CA CYS B 152 -11.46 16.82 1.29
C CYS B 152 -12.39 15.67 1.00
N GLY B 153 -13.32 15.43 1.93
CA GLY B 153 -14.26 14.32 1.82
C GLY B 153 -13.81 13.02 2.46
N SER B 154 -12.60 12.95 2.99
CA SER B 154 -12.05 11.68 3.46
C SER B 154 -12.36 11.39 4.91
N CYS B 155 -12.96 12.33 5.65
CA CYS B 155 -13.20 12.09 7.06
C CYS B 155 -14.13 10.89 7.22
N GLY B 156 -13.88 10.11 8.27
CA GLY B 156 -14.59 8.88 8.49
C GLY B 156 -13.92 7.67 7.87
N SER B 157 -12.88 7.87 7.05
CA SER B 157 -12.06 6.75 6.58
C SER B 157 -11.43 6.05 7.79
N VAL B 158 -11.24 4.76 7.70
CA VAL B 158 -10.86 4.00 8.88
C VAL B 158 -9.51 3.32 8.70
N GLY B 159 -8.79 3.19 9.81
CA GLY B 159 -7.58 2.42 9.88
C GLY B 159 -7.81 1.18 10.73
N TYR B 160 -7.09 0.10 10.42
CA TYR B 160 -7.43 -1.22 10.97
C TYR B 160 -6.21 -2.12 10.78
N THR B 161 -6.07 -3.08 11.68
CA THR B 161 -5.22 -4.24 11.45
C THR B 161 -6.10 -5.49 11.51
N LYS B 162 -5.52 -6.62 11.14
CA LYS B 162 -6.17 -7.92 11.22
C LYS B 162 -5.20 -8.89 11.86
N GLU B 163 -5.61 -9.47 12.98
CA GLU B 163 -4.88 -10.54 13.66
C GLU B 163 -5.82 -11.74 13.67
N GLY B 164 -5.47 -12.77 12.91
CA GLY B 164 -6.32 -13.94 12.82
C GLY B 164 -7.49 -13.66 11.93
N SER B 165 -8.69 -14.01 12.42
CA SER B 165 -9.95 -13.62 11.80
C SER B 165 -10.47 -12.24 12.26
N VAL B 166 -9.83 -11.62 13.26
CA VAL B 166 -10.36 -10.44 13.95
C VAL B 166 -9.71 -9.16 13.42
N ILE B 167 -10.54 -8.30 12.81
CA ILE B 167 -10.17 -6.91 12.51
C ILE B 167 -10.11 -6.08 13.79
N ASN B 168 -8.98 -5.40 14.03
CA ASN B 168 -8.93 -4.37 15.05
C ASN B 168 -9.08 -3.01 14.38
N PHE B 169 -10.20 -2.34 14.62
CA PHE B 169 -10.39 -0.98 14.15
C PHE B 169 -9.72 -0.03 15.14
N CYS B 170 -8.86 0.85 14.65
CA CYS B 170 -8.06 1.67 15.53
C CYS B 170 -8.02 3.15 15.15
N TYR B 171 -8.58 3.53 14.02
CA TYR B 171 -8.47 4.93 13.59
C TYR B 171 -9.69 5.31 12.78
N MET B 172 -10.21 6.51 13.02
CA MET B 172 -11.22 7.12 12.15
C MET B 172 -10.78 8.53 11.82
N HIS B 173 -10.68 8.83 10.53
CA HIS B 173 -10.02 10.05 10.10
C HIS B 173 -10.84 11.30 10.45
N GLN B 174 -10.15 12.32 10.96
CA GLN B 174 -10.79 13.56 11.38
C GLN B 174 -10.22 14.84 10.75
N MET B 175 -8.92 14.92 10.49
CA MET B 175 -8.37 16.24 10.18
C MET B 175 -6.95 16.18 9.66
N GLU B 176 -6.54 17.29 9.10
CA GLU B 176 -5.20 17.48 8.58
C GLU B 176 -4.56 18.62 9.38
N LEU B 177 -3.33 18.39 9.85
CA LEU B 177 -2.59 19.42 10.58
C LEU B 177 -1.92 20.35 9.60
N ALA B 178 -1.29 21.39 10.16
CA ALA B 178 -0.75 22.49 9.37
C ALA B 178 0.39 22.04 8.49
N ASN B 179 1.17 21.06 8.93
CA ASN B 179 2.26 20.57 8.13
C ASN B 179 1.83 19.50 7.14
N GLY B 180 0.55 19.23 7.00
CA GLY B 180 0.12 18.25 6.02
C GLY B 180 0.07 16.82 6.52
N THR B 181 0.38 16.58 7.79
CA THR B 181 0.08 15.31 8.41
C THR B 181 -1.38 15.30 8.88
N HIS B 182 -1.79 14.19 9.50
CA HIS B 182 -3.19 13.85 9.71
C HIS B 182 -3.40 13.24 11.09
N THR B 183 -4.63 13.37 11.60
CA THR B 183 -4.93 12.66 12.82
C THR B 183 -6.43 12.40 12.90
N GLY B 184 -6.80 11.60 13.91
CA GLY B 184 -8.09 10.97 13.94
C GLY B 184 -8.38 10.43 15.32
N SER B 185 -9.52 9.74 15.43
CA SER B 185 -10.04 9.20 16.67
C SER B 185 -9.78 7.70 16.77
N ALA B 186 -9.61 7.20 17.99
CA ALA B 186 -9.83 5.79 18.27
C ALA B 186 -11.33 5.58 18.41
N PHE B 187 -11.75 4.33 18.39
CA PHE B 187 -13.17 4.09 18.41
C PHE B 187 -13.76 4.12 19.82
N ASP B 188 -12.94 4.37 20.83
CA ASP B 188 -13.50 4.78 22.09
C ASP B 188 -13.86 6.25 22.09
N GLY B 189 -13.73 6.94 20.96
CA GLY B 189 -14.09 8.35 20.88
C GLY B 189 -12.97 9.34 21.25
N THR B 190 -11.82 8.87 21.72
CA THR B 190 -10.74 9.80 22.00
C THR B 190 -9.95 10.13 20.73
N MET B 191 -9.43 11.34 20.68
CA MET B 191 -8.60 11.77 19.56
C MET B 191 -7.15 11.42 19.88
N TYR B 192 -6.43 10.84 18.91
CA TYR B 192 -5.02 10.60 19.17
C TYR B 192 -4.30 11.92 19.47
N GLY B 193 -3.40 11.88 20.44
CA GLY B 193 -2.65 13.07 20.76
C GLY B 193 -3.47 14.17 21.40
N ALA B 194 -4.71 13.88 21.80
CA ALA B 194 -5.61 14.87 22.39
C ALA B 194 -5.73 16.13 21.54
N PHE B 195 -5.49 16.00 20.24
CA PHE B 195 -5.95 17.06 19.35
C PHE B 195 -7.45 17.27 19.57
N MET B 196 -7.98 18.36 19.05
CA MET B 196 -9.39 18.68 19.16
C MET B 196 -10.01 18.69 17.78
N ASP B 197 -11.27 18.28 17.70
CA ASP B 197 -11.97 18.28 16.43
C ASP B 197 -12.62 19.64 16.20
N LYS B 198 -11.74 20.64 16.06
CA LYS B 198 -12.10 22.00 15.72
C LYS B 198 -11.12 22.46 14.66
N GLN B 199 -11.61 23.30 13.75
CA GLN B 199 -10.79 23.75 12.64
C GLN B 199 -10.00 24.97 13.12
N VAL B 200 -8.86 24.68 13.76
CA VAL B 200 -7.97 25.72 14.29
C VAL B 200 -6.56 25.17 14.29
N HIS B 201 -5.59 26.05 14.05
CA HIS B 201 -4.18 25.69 14.15
C HIS B 201 -3.90 25.13 15.54
N GLN B 202 -3.25 23.97 15.59
CA GLN B 202 -3.00 23.30 16.86
C GLN B 202 -1.51 22.94 16.98
N VAL B 203 -1.01 23.02 18.21
CA VAL B 203 0.38 22.70 18.51
C VAL B 203 0.61 21.19 18.41
N GLN B 204 1.46 20.79 17.48
CA GLN B 204 1.85 19.40 17.26
C GLN B 204 3.23 19.14 17.84
N LEU B 205 3.36 18.14 18.72
CA LEU B 205 4.64 17.83 19.35
C LEU B 205 5.70 17.40 18.33
N THR B 206 6.95 17.45 18.75
CA THR B 206 8.03 17.06 17.85
C THR B 206 8.07 15.55 17.66
N ASP B 207 8.36 15.15 16.42
CA ASP B 207 8.48 13.75 16.06
C ASP B 207 9.75 13.15 16.71
N LYS B 208 9.86 11.83 16.61
CA LYS B 208 11.00 11.08 17.12
C LYS B 208 11.15 9.87 16.24
N TYR B 209 12.33 9.26 16.26
CA TYR B 209 12.52 7.98 15.61
C TYR B 209 11.92 6.90 16.50
N CYS B 210 11.20 5.95 15.88
CA CYS B 210 10.60 4.81 16.60
C CYS B 210 11.67 3.72 16.72
N SER B 211 12.30 3.66 17.88
CA SER B 211 13.50 2.85 18.05
C SER B 211 13.23 1.39 17.72
N VAL B 212 12.10 0.84 18.17
CA VAL B 212 11.91 -0.58 17.95
C VAL B 212 11.75 -0.87 16.46
N ASN B 213 11.24 0.09 15.69
CA ASN B 213 11.10 -0.14 14.26
C ASN B 213 12.44 -0.04 13.55
N VAL B 214 13.33 0.81 14.05
CA VAL B 214 14.67 0.89 13.47
C VAL B 214 15.41 -0.43 13.70
N VAL B 215 15.32 -1.00 14.89
CA VAL B 215 15.91 -2.31 15.13
C VAL B 215 15.38 -3.36 14.14
N ALA B 216 14.08 -3.37 13.92
CA ALA B 216 13.47 -4.33 13.01
C ALA B 216 14.07 -4.20 11.63
N TRP B 217 14.21 -2.95 11.18
CA TRP B 217 14.78 -2.68 9.87
C TRP B 217 16.24 -3.09 9.81
N LEU B 218 16.99 -2.90 10.89
CA LEU B 218 18.36 -3.40 10.88
C LEU B 218 18.40 -4.92 10.84
N TYR B 219 17.44 -5.58 11.48
CA TYR B 219 17.40 -7.03 11.38
C TYR B 219 17.07 -7.43 9.96
N ALA B 220 16.18 -6.70 9.33
CA ALA B 220 15.89 -6.94 7.93
C ALA B 220 17.15 -6.84 7.09
N ALA B 221 17.98 -5.82 7.35
CA ALA B 221 19.23 -5.67 6.62
C ALA B 221 20.12 -6.89 6.85
N ILE B 222 20.29 -7.28 8.12
CA ILE B 222 21.04 -8.50 8.41
C ILE B 222 20.45 -9.69 7.66
N LEU B 223 19.13 -9.86 7.69
CA LEU B 223 18.56 -11.03 7.04
C LEU B 223 18.82 -11.01 5.54
N ASN B 224 19.12 -9.85 4.97
CA ASN B 224 19.33 -9.75 3.54
C ASN B 224 20.82 -9.82 3.16
N GLY B 225 21.71 -10.13 4.09
CA GLY B 225 23.12 -10.17 3.83
C GLY B 225 23.87 -8.86 3.98
N CYS B 226 23.26 -7.84 4.55
CA CYS B 226 23.86 -6.52 4.77
C CYS B 226 24.07 -6.32 6.27
N ALA B 227 25.26 -6.67 6.76
CA ALA B 227 25.55 -6.59 8.18
C ALA B 227 26.83 -5.83 8.46
N TRP B 228 27.30 -4.98 7.53
CA TRP B 228 28.56 -4.28 7.77
C TRP B 228 28.53 -3.44 9.04
N PHE B 229 27.35 -3.09 9.53
CA PHE B 229 27.22 -2.18 10.66
C PHE B 229 27.19 -2.89 12.00
N VAL B 230 27.22 -4.21 12.01
CA VAL B 230 27.10 -4.95 13.27
C VAL B 230 28.50 -5.10 13.84
N LYS B 231 28.65 -4.76 15.09
CA LYS B 231 29.93 -4.93 15.77
C LYS B 231 29.64 -5.81 16.96
N PRO B 232 30.67 -6.31 17.65
CA PRO B 232 30.47 -6.95 18.96
C PRO B 232 29.93 -6.00 20.00
N ASN B 233 30.25 -4.71 19.88
CA ASN B 233 29.88 -3.76 20.93
C ASN B 233 28.37 -3.72 21.14
N ARG B 234 28.01 -3.44 22.38
CA ARG B 234 26.62 -3.43 22.79
C ARG B 234 26.31 -2.19 23.59
N THR B 235 25.05 -1.80 23.54
CA THR B 235 24.50 -0.84 24.48
C THR B 235 23.24 -1.48 25.02
N SER B 236 23.12 -1.49 26.34
CA SER B 236 21.99 -2.09 27.03
C SER B 236 20.72 -1.32 26.75
N VAL B 237 19.58 -1.96 27.03
CA VAL B 237 18.30 -1.30 26.85
C VAL B 237 18.19 -0.07 27.74
N VAL B 238 18.49 -0.20 29.04
CA VAL B 238 18.31 0.97 29.91
C VAL B 238 19.27 2.09 29.52
N SER B 239 20.52 1.76 29.21
CA SER B 239 21.44 2.80 28.78
C SER B 239 20.98 3.45 27.48
N PHE B 240 20.55 2.65 26.48
CA PHE B 240 20.07 3.23 25.22
C PHE B 240 18.88 4.14 25.45
N ASN B 241 17.99 3.77 26.37
CA ASN B 241 16.81 4.56 26.62
C ASN B 241 17.14 5.90 27.29
N GLU B 242 18.17 5.96 28.13
CA GLU B 242 18.61 7.26 28.62
C GLU B 242 19.14 8.12 27.48
N TRP B 243 19.95 7.51 26.60
CA TRP B 243 20.44 8.20 25.41
C TRP B 243 19.30 8.64 24.49
N ALA B 244 18.29 7.79 24.32
CA ALA B 244 17.18 8.12 23.43
C ALA B 244 16.51 9.42 23.84
N LEU B 245 16.37 9.65 25.14
CA LEU B 245 15.78 10.90 25.62
C LEU B 245 16.50 12.11 25.06
N ALA B 246 17.82 12.04 24.94
CA ALA B 246 18.54 13.22 24.50
C ALA B 246 18.69 13.29 23.01
N ASN B 247 18.32 12.23 22.26
CA ASN B 247 18.60 12.20 20.85
C ASN B 247 17.38 11.90 19.97
N GLN B 248 16.17 12.21 20.45
CA GLN B 248 14.98 12.18 19.61
C GLN B 248 14.59 10.76 19.18
N PHE B 249 14.82 9.78 20.03
CA PHE B 249 14.36 8.42 19.81
C PHE B 249 13.36 8.08 20.89
N THR B 250 12.43 7.17 20.57
CA THR B 250 11.54 6.64 21.59
C THR B 250 12.29 5.65 22.47
N GLU B 251 11.75 5.44 23.67
CA GLU B 251 12.19 4.33 24.51
C GLU B 251 12.08 3.04 23.71
N PHE B 252 13.11 2.19 23.73
CA PHE B 252 12.97 0.86 23.14
C PHE B 252 12.30 -0.06 24.15
N VAL B 253 11.27 -0.77 23.68
CA VAL B 253 10.62 -1.86 24.41
C VAL B 253 10.62 -3.12 23.52
N GLY B 254 11.25 -4.20 23.99
CA GLY B 254 11.28 -5.40 23.20
C GLY B 254 9.94 -6.15 23.17
N THR B 255 9.78 -6.99 22.16
CA THR B 255 8.59 -7.82 22.02
C THR B 255 9.03 -9.20 21.55
N GLN B 256 8.09 -10.16 21.60
CA GLN B 256 8.37 -11.51 21.11
C GLN B 256 8.72 -11.46 19.63
N SER B 257 8.15 -10.51 18.91
CA SER B 257 8.42 -10.42 17.49
C SER B 257 9.88 -10.01 17.24
N VAL B 258 10.40 -9.07 18.03
CA VAL B 258 11.80 -8.68 17.91
C VAL B 258 12.69 -9.82 18.36
N ASP B 259 12.31 -10.48 19.45
CA ASP B 259 13.09 -11.61 19.96
C ASP B 259 13.28 -12.67 18.89
N MET B 260 12.30 -12.81 18.00
CA MET B 260 12.39 -13.83 16.97
C MET B 260 13.38 -13.43 15.91
N LEU B 261 13.51 -12.13 15.67
CA LEU B 261 14.50 -11.67 14.71
C LEU B 261 15.89 -11.86 15.29
N ALA B 262 16.02 -11.65 16.59
CA ALA B 262 17.29 -11.86 17.26
C ALA B 262 17.69 -13.32 17.22
N VAL B 263 16.72 -14.21 17.42
CA VAL B 263 17.03 -15.63 17.42
C VAL B 263 17.49 -16.06 16.05
N LYS B 264 16.76 -15.67 15.00
CA LYS B 264 17.06 -16.11 13.66
C LYS B 264 18.41 -15.61 13.16
N THR B 265 18.78 -14.37 13.48
CA THR B 265 20.05 -13.82 12.98
C THR B 265 21.24 -14.07 13.89
N GLY B 266 21.02 -14.44 15.14
CA GLY B 266 22.10 -14.47 16.10
C GLY B 266 22.65 -13.13 16.53
N VAL B 267 22.02 -12.01 16.11
CA VAL B 267 22.48 -10.68 16.49
C VAL B 267 21.57 -10.19 17.59
N ALA B 268 22.17 -9.74 18.67
CA ALA B 268 21.39 -9.32 19.83
C ALA B 268 20.83 -7.92 19.63
N ILE B 269 19.69 -7.68 20.26
CA ILE B 269 19.09 -6.36 20.27
C ILE B 269 20.14 -5.32 20.64
N GLU B 270 20.89 -5.62 21.71
CA GLU B 270 21.85 -4.69 22.27
C GLU B 270 22.95 -4.35 21.29
N GLN B 271 23.27 -5.26 20.36
CA GLN B 271 24.26 -4.88 19.36
C GLN B 271 23.66 -3.86 18.40
N LEU B 272 22.37 -4.00 18.08
CA LEU B 272 21.76 -3.05 17.15
C LEU B 272 21.49 -1.70 17.81
N LEU B 273 21.26 -1.67 19.12
CA LEU B 273 21.12 -0.39 19.80
C LEU B 273 22.43 0.39 19.80
N TYR B 274 23.54 -0.29 20.02
CA TYR B 274 24.84 0.34 19.79
C TYR B 274 24.95 0.82 18.35
N ALA B 275 24.57 -0.04 17.40
CA ALA B 275 24.70 0.36 15.99
C ALA B 275 23.89 1.61 15.71
N ILE B 276 22.69 1.71 16.31
CA ILE B 276 21.83 2.86 16.07
C ILE B 276 22.49 4.13 16.57
N GLN B 277 23.08 4.10 17.77
CA GLN B 277 23.75 5.28 18.31
C GLN B 277 24.89 5.75 17.40
N GLN B 278 25.52 4.84 16.68
CA GLN B 278 26.57 5.24 15.76
C GLN B 278 26.03 5.63 14.39
N LEU B 279 24.96 4.97 13.93
CA LEU B 279 24.45 5.29 12.61
C LEU B 279 23.65 6.59 12.60
N TYR B 280 23.20 7.04 13.78
CA TYR B 280 22.45 8.28 13.91
C TYR B 280 23.26 9.50 13.49
N THR B 281 24.59 9.49 13.70
CA THR B 281 25.43 10.62 13.28
C THR B 281 25.77 10.62 11.78
N GLY B 282 25.54 9.53 11.07
CA GLY B 282 25.77 9.45 9.65
C GLY B 282 26.24 8.06 9.24
N PHE B 283 25.81 7.63 8.05
CA PHE B 283 26.32 6.41 7.45
C PHE B 283 27.67 6.60 6.75
N GLN B 284 28.13 7.83 6.59
CA GLN B 284 29.48 8.09 6.10
C GLN B 284 29.75 7.35 4.79
N GLY B 285 28.82 7.50 3.85
CA GLY B 285 29.00 7.01 2.51
C GLY B 285 28.52 5.60 2.28
N LYS B 286 28.06 4.90 3.31
CA LYS B 286 27.48 3.59 3.10
C LYS B 286 25.96 3.68 2.93
N GLN B 287 25.35 2.56 2.54
CA GLN B 287 23.91 2.43 2.49
C GLN B 287 23.48 1.18 3.24
N ILE B 288 22.24 1.20 3.71
CA ILE B 288 21.61 0.04 4.32
C ILE B 288 20.28 -0.19 3.62
N LEU B 289 20.14 -1.32 2.95
CA LEU B 289 18.91 -1.66 2.25
C LEU B 289 18.52 -0.52 1.32
N GLY B 290 19.49 -0.01 0.58
CA GLY B 290 19.25 1.06 -0.34
C GLY B 290 19.12 2.43 0.29
N SER B 291 19.29 2.54 1.59
CA SER B 291 19.00 3.79 2.29
C SER B 291 20.25 4.38 2.88
N THR B 292 20.24 5.69 2.97
CA THR B 292 21.33 6.40 3.61
C THR B 292 20.90 7.04 4.92
N MET B 293 19.62 6.94 5.30
CA MET B 293 19.08 7.34 6.60
C MET B 293 18.46 6.14 7.30
N LEU B 294 18.32 6.22 8.62
CA LEU B 294 17.59 5.20 9.36
C LEU B 294 16.10 5.20 9.00
N GLU B 295 15.53 4.00 8.82
CA GLU B 295 14.12 3.81 8.48
C GLU B 295 13.36 3.30 9.69
N ASP B 296 12.23 3.91 9.97
CA ASP B 296 11.51 3.54 11.18
C ASP B 296 10.04 3.32 10.90
N GLU B 297 9.69 2.97 9.67
CA GLU B 297 8.29 2.82 9.28
C GLU B 297 7.93 1.36 9.04
N PHE B 298 8.83 0.43 9.34
CA PHE B 298 8.56 -1.00 9.28
C PHE B 298 8.70 -1.60 10.66
N THR B 299 7.73 -2.39 11.05
CA THR B 299 7.67 -2.96 12.38
C THR B 299 8.40 -4.28 12.44
N PRO B 300 8.63 -4.77 13.66
CA PRO B 300 9.11 -6.15 13.78
C PRO B 300 8.14 -7.15 13.15
N GLU B 301 6.83 -6.96 13.31
CA GLU B 301 5.88 -7.85 12.67
C GLU B 301 6.03 -7.84 11.14
N ASP B 302 6.17 -6.65 10.54
CA ASP B 302 6.41 -6.55 9.11
C ASP B 302 7.60 -7.38 8.68
N VAL B 303 8.70 -7.22 9.41
CA VAL B 303 9.92 -7.91 9.01
C VAL B 303 9.71 -9.40 9.11
N ASN B 304 9.10 -9.86 10.20
CA ASN B 304 8.85 -11.29 10.35
C ASN B 304 8.02 -11.82 9.18
N MET B 305 6.97 -11.11 8.82
CA MET B 305 6.06 -11.59 7.79
C MET B 305 6.70 -11.52 6.41
N GLN B 306 7.27 -10.38 6.06
CA GLN B 306 7.70 -10.21 4.67
C GLN B 306 8.99 -10.92 4.35
N ILE B 307 9.84 -11.18 5.34
CA ILE B 307 11.16 -11.81 5.06
C ILE B 307 11.28 -13.27 5.54
N MET B 308 10.28 -13.86 6.21
CA MET B 308 10.28 -15.14 6.95
C MET B 308 8.91 -15.87 6.86
N GLY B 309 7.77 -15.17 6.73
CA GLY B 309 6.49 -15.84 6.65
C GLY B 309 5.81 -16.09 7.97
N VAL B 310 6.17 -15.36 9.01
CA VAL B 310 5.55 -15.49 10.33
C VAL B 310 4.49 -14.42 10.59
#